data_7C04
#
_entry.id   7C04
#
_cell.length_a   110.405
_cell.length_b   110.405
_cell.length_c   59.445
_cell.angle_alpha   90.0
_cell.angle_beta   90.0
_cell.angle_gamma   120.0
#
_symmetry.space_group_name_H-M   'H 3'
#
loop_
_entity.id
_entity.type
_entity.pdbx_description
1 polymer 'Heat shock protein 75 kDa, mitochondrial'
2 non-polymer 4-chloranyl-1-[[2-methoxy-4-(trifluoromethyl)phenyl]methyl]pyrazolo[3,4-d]pyrimidin-6-amine
3 water water
#
_entity_poly.entity_id   1
_entity_poly.type   'polypeptide(L)'
_entity_poly.pdbx_seq_one_letter_code
;STQTAEDKEEPLHSIISSTESVQGSTSKHEFQAETKKLLDIVARSLYSEKEVFIRELISNASDALEKLRHKLVSDGQALP
EMEIHLQTNAEKGTITIQDTGIGMTQEELVSNLGTIARSGSKAFLDALQNQAEASSKIIGQFGVGFYSAFMVADRVEVYS
RSAAPGSLGYQWLSDGSGVFEIAEASGVRTGTKIIIHLKSDCKEFSSEARVRDVVTKYSNFVSFPLYLNGRRMNT
;
_entity_poly.pdbx_strand_id   A
#
# COMPACT_ATOMS: atom_id res chain seq x y z
N LEU A 12 -11.31 21.22 -5.29
CA LEU A 12 -10.43 20.06 -5.14
C LEU A 12 -9.83 19.96 -3.74
N HIS A 13 -9.70 18.73 -3.26
CA HIS A 13 -9.08 18.48 -1.97
C HIS A 13 -8.02 17.40 -2.14
N SER A 14 -6.76 17.82 -2.16
CA SER A 14 -5.67 16.89 -2.39
C SER A 14 -4.65 16.98 -1.26
N ILE A 15 -4.10 15.85 -0.86
CA ILE A 15 -3.05 15.83 0.15
C ILE A 15 -1.72 15.29 -0.40
N ILE A 16 -1.77 14.68 -1.59
CA ILE A 16 -0.56 14.09 -2.18
C ILE A 16 0.32 15.14 -2.86
N SER A 17 1.56 15.24 -2.41
CA SER A 17 2.55 16.09 -3.06
C SER A 17 3.93 15.47 -2.91
N SER A 18 4.78 15.69 -3.91
CA SER A 18 6.13 15.14 -3.89
C SER A 18 7.05 16.04 -3.07
N THR A 19 6.85 16.03 -1.76
CA THR A 19 7.55 16.96 -0.88
C THR A 19 8.46 16.31 0.17
N GLU A 20 8.36 14.99 0.32
CA GLU A 20 9.28 14.29 1.22
C GLU A 20 10.71 14.42 0.74
N SER A 21 11.64 14.42 1.69
CA SER A 21 13.06 14.55 1.34
C SER A 21 13.93 13.53 2.08
N VAL A 22 14.84 12.85 1.38
CA VAL A 22 15.77 11.94 2.04
C VAL A 22 16.71 12.70 2.97
N GLN A 23 16.78 12.26 4.23
CA GLN A 23 17.58 12.96 5.24
C GLN A 23 18.28 11.96 6.16
N GLY A 24 18.67 10.83 5.58
CA GLY A 24 19.38 9.79 6.30
C GLY A 24 20.03 8.90 5.26
N SER A 25 21.04 8.15 5.67
CA SER A 25 21.71 7.28 4.72
C SER A 25 20.91 5.98 4.58
N THR A 26 21.19 5.24 3.53
CA THR A 26 20.36 4.11 3.14
C THR A 26 20.82 2.81 3.76
N SER A 27 19.88 2.09 4.39
CA SER A 27 20.18 0.77 4.90
C SER A 27 19.60 -0.28 3.96
N LYS A 28 20.41 -1.30 3.67
CA LYS A 28 20.06 -2.33 2.71
C LYS A 28 19.52 -3.58 3.41
N HIS A 29 18.48 -4.16 2.83
CA HIS A 29 17.86 -5.36 3.39
C HIS A 29 17.51 -6.32 2.26
N GLU A 30 17.76 -7.61 2.45
CA GLU A 30 17.44 -8.59 1.42
C GLU A 30 16.13 -9.28 1.77
N PHE A 31 15.36 -9.64 0.73
CA PHE A 31 14.09 -10.34 0.93
C PHE A 31 14.31 -11.63 1.70
N GLN A 32 13.33 -11.96 2.55
CA GLN A 32 13.34 -13.24 3.22
C GLN A 32 13.24 -14.36 2.19
N ALA A 33 13.57 -15.57 2.59
CA ALA A 33 13.64 -16.71 1.69
C ALA A 33 12.35 -16.88 0.87
N GLU A 34 11.22 -16.98 1.56
CA GLU A 34 9.96 -17.31 0.91
C GLU A 34 9.14 -16.09 0.51
N THR A 35 9.76 -14.92 0.60
CA THR A 35 9.07 -13.68 0.24
C THR A 35 8.89 -13.56 -1.27
N LYS A 36 9.95 -13.89 -2.00
CA LYS A 36 9.93 -13.83 -3.45
C LYS A 36 8.92 -14.83 -4.00
N LYS A 37 8.85 -16.00 -3.39
CA LYS A 37 7.89 -17.02 -3.83
C LYS A 37 6.45 -16.55 -3.66
N LEU A 38 6.19 -15.87 -2.54
CA LEU A 38 4.85 -15.33 -2.28
C LEU A 38 4.52 -14.18 -3.23
N LEU A 39 5.50 -13.33 -3.50
CA LEU A 39 5.32 -12.27 -4.50
C LEU A 39 4.91 -12.87 -5.83
N ASP A 40 5.62 -13.91 -6.25
CA ASP A 40 5.34 -14.54 -7.54
C ASP A 40 3.96 -15.17 -7.59
N ILE A 41 3.56 -15.86 -6.52
CA ILE A 41 2.26 -16.54 -6.52
C ILE A 41 1.11 -15.52 -6.50
N VAL A 42 1.28 -14.41 -5.80
CA VAL A 42 0.26 -13.36 -5.81
C VAL A 42 0.09 -12.81 -7.24
N ALA A 43 1.20 -12.60 -7.93
CA ALA A 43 1.18 -12.12 -9.31
C ALA A 43 0.49 -13.12 -10.25
N ARG A 44 0.87 -14.39 -10.17
CA ARG A 44 0.23 -15.42 -11.00
C ARG A 44 -1.28 -15.50 -10.72
N SER A 45 -1.65 -15.35 -9.46
CA SER A 45 -3.06 -15.48 -9.05
C SER A 45 -3.95 -14.34 -9.51
N LEU A 46 -3.39 -13.14 -9.65
CA LEU A 46 -4.22 -11.97 -9.86
C LEU A 46 -4.04 -11.32 -11.22
N TYR A 47 -3.15 -11.87 -12.04
CA TYR A 47 -2.87 -11.30 -13.36
C TYR A 47 -4.13 -11.04 -14.18
N SER A 48 -5.04 -12.00 -14.18
CA SER A 48 -6.25 -11.93 -15.00
C SER A 48 -7.17 -10.78 -14.57
N GLU A 49 -6.99 -10.31 -13.34
CA GLU A 49 -7.75 -9.16 -12.83
C GLU A 49 -6.79 -8.19 -12.12
N LYS A 50 -5.72 -7.84 -12.82
CA LYS A 50 -4.61 -7.13 -12.18
C LYS A 50 -5.03 -5.77 -11.64
N GLU A 51 -6.11 -5.20 -12.16
CA GLU A 51 -6.59 -3.91 -11.65
C GLU A 51 -6.99 -3.98 -10.17
N VAL A 52 -7.12 -5.19 -9.65
CA VAL A 52 -7.55 -5.38 -8.26
C VAL A 52 -6.49 -4.94 -7.25
N PHE A 53 -5.27 -4.65 -7.70
CA PHE A 53 -4.26 -4.15 -6.76
C PHE A 53 -4.73 -2.84 -6.11
N ILE A 54 -5.51 -2.06 -6.85
CA ILE A 54 -5.96 -0.77 -6.32
C ILE A 54 -6.88 -1.04 -5.13
N ARG A 55 -7.81 -1.98 -5.29
CA ARG A 55 -8.70 -2.34 -4.20
C ARG A 55 -7.94 -2.93 -3.01
N GLU A 56 -6.90 -3.72 -3.28
CA GLU A 56 -6.11 -4.31 -2.21
C GLU A 56 -5.45 -3.22 -1.38
N LEU A 57 -4.97 -2.18 -2.06
CA LEU A 57 -4.27 -1.11 -1.36
C LEU A 57 -5.25 -0.20 -0.64
N ILE A 58 -6.42 0.00 -1.22
CA ILE A 58 -7.46 0.79 -0.54
C ILE A 58 -7.89 0.07 0.73
N SER A 59 -8.01 -1.25 0.65
CA SER A 59 -8.35 -2.05 1.82
C SER A 59 -7.29 -1.92 2.92
N ASN A 60 -6.01 -1.97 2.54
CA ASN A 60 -4.95 -1.75 3.52
C ASN A 60 -5.06 -0.36 4.16
N ALA A 61 -5.35 0.64 3.34
CA ALA A 61 -5.48 2.02 3.83
C ALA A 61 -6.63 2.11 4.83
N SER A 62 -7.74 1.44 4.50
CA SER A 62 -8.89 1.45 5.37
C SER A 62 -8.54 0.79 6.71
N ASP A 63 -7.81 -0.32 6.65
CA ASP A 63 -7.38 -1.01 7.86
C ASP A 63 -6.52 -0.10 8.73
N ALA A 64 -5.64 0.66 8.09
CA ALA A 64 -4.72 1.55 8.80
C ALA A 64 -5.48 2.66 9.49
N LEU A 65 -6.54 3.13 8.84
CA LEU A 65 -7.38 4.17 9.42
C LEU A 65 -8.18 3.62 10.60
N GLU A 66 -8.65 2.37 10.50
CA GLU A 66 -9.33 1.77 11.64
C GLU A 66 -8.38 1.60 12.82
N LYS A 67 -7.13 1.23 12.56
CA LYS A 67 -6.17 1.10 13.64
C LYS A 67 -5.92 2.45 14.32
N LEU A 68 -5.89 3.51 13.54
CA LEU A 68 -5.74 4.85 14.10
C LEU A 68 -6.96 5.19 14.96
N ARG A 69 -8.15 4.85 14.47
CA ARG A 69 -9.37 5.12 15.23
C ARG A 69 -9.27 4.53 16.63
N HIS A 70 -8.84 3.28 16.72
CA HIS A 70 -8.84 2.61 18.01
C HIS A 70 -7.77 3.18 18.93
N LYS A 71 -6.64 3.59 18.35
CA LYS A 71 -5.62 4.28 19.14
C LYS A 71 -6.20 5.55 19.75
N LEU A 72 -6.89 6.32 18.92
CA LEU A 72 -7.40 7.62 19.34
C LEU A 72 -8.57 7.49 20.34
N VAL A 73 -9.36 6.43 20.20
CA VAL A 73 -10.44 6.17 21.16
C VAL A 73 -9.87 5.91 22.55
N SER A 74 -8.83 5.08 22.63
CA SER A 74 -8.19 4.78 23.91
C SER A 74 -7.43 6.00 24.43
N ASP A 75 -6.92 6.81 23.51
CA ASP A 75 -6.19 8.04 23.87
C ASP A 75 -7.16 9.13 24.35
N GLY A 76 -8.45 8.94 24.11
CA GLY A 76 -9.46 9.94 24.42
C GLY A 76 -9.33 11.19 23.56
N GLN A 77 -9.00 11.00 22.29
CA GLN A 77 -8.75 12.13 21.40
C GLN A 77 -9.73 12.19 20.22
N ALA A 78 -9.85 13.37 19.62
CA ALA A 78 -10.69 13.55 18.44
C ALA A 78 -10.14 12.75 17.23
N LEU A 79 -11.02 12.46 16.28
CA LEU A 79 -10.59 11.88 15.01
C LEU A 79 -10.16 13.00 14.05
N PRO A 80 -8.94 12.90 13.52
CA PRO A 80 -8.40 13.91 12.61
C PRO A 80 -8.92 13.68 11.20
N GLU A 81 -8.29 14.30 10.22
CA GLU A 81 -8.66 14.04 8.84
C GLU A 81 -8.30 12.60 8.51
N MET A 82 -9.31 11.79 8.29
CA MET A 82 -9.10 10.38 8.03
C MET A 82 -9.55 10.11 6.60
N GLU A 83 -8.58 10.05 5.68
CA GLU A 83 -8.88 10.04 4.26
C GLU A 83 -7.98 9.08 3.48
N ILE A 84 -8.48 8.65 2.33
CA ILE A 84 -7.73 7.83 1.40
C ILE A 84 -7.66 8.54 0.05
N HIS A 85 -6.45 8.76 -0.46
CA HIS A 85 -6.26 9.53 -1.68
C HIS A 85 -5.56 8.72 -2.76
N LEU A 86 -6.09 8.81 -3.97
CA LEU A 86 -5.44 8.26 -5.16
C LEU A 86 -4.99 9.41 -6.07
N GLN A 87 -3.85 9.24 -6.72
CA GLN A 87 -3.38 10.23 -7.68
C GLN A 87 -2.68 9.56 -8.86
N THR A 88 -3.12 9.88 -10.07
CA THR A 88 -2.50 9.36 -11.27
C THR A 88 -1.58 10.40 -11.92
N ASN A 89 -0.46 9.95 -12.45
CA ASN A 89 0.40 10.81 -13.24
C ASN A 89 0.77 10.12 -14.54
N ALA A 90 0.05 10.47 -15.60
CA ALA A 90 0.24 9.82 -16.90
C ALA A 90 1.63 10.11 -17.46
N GLU A 91 2.14 11.30 -17.18
CA GLU A 91 3.45 11.70 -17.69
C GLU A 91 4.57 10.89 -17.04
N LYS A 92 4.42 10.57 -15.77
CA LYS A 92 5.45 9.85 -15.03
C LYS A 92 5.17 8.34 -14.99
N GLY A 93 3.98 7.96 -15.44
CA GLY A 93 3.58 6.56 -15.48
C GLY A 93 3.44 5.96 -14.09
N THR A 94 2.88 6.74 -13.17
CA THR A 94 2.69 6.28 -11.80
C THR A 94 1.25 6.34 -11.33
N ILE A 95 0.92 5.49 -10.36
CA ILE A 95 -0.27 5.66 -9.55
C ILE A 95 0.19 5.74 -8.11
N THR A 96 -0.50 6.57 -7.31
CA THR A 96 -0.12 6.82 -5.93
C THR A 96 -1.32 6.70 -5.02
N ILE A 97 -1.15 6.00 -3.89
CA ILE A 97 -2.20 5.96 -2.88
C ILE A 97 -1.64 6.44 -1.55
N GLN A 98 -2.35 7.33 -0.87
CA GLN A 98 -1.89 7.82 0.42
C GLN A 98 -3.01 7.80 1.43
N ASP A 99 -2.73 7.33 2.62
CA ASP A 99 -3.77 7.35 3.66
C ASP A 99 -3.24 8.09 4.86
N THR A 100 -4.14 8.63 5.68
CA THR A 100 -3.76 9.31 6.89
C THR A 100 -4.01 8.46 8.14
N GLY A 101 -3.79 7.14 7.99
CA GLY A 101 -3.94 6.24 9.12
C GLY A 101 -2.72 6.04 9.99
N ILE A 102 -2.61 4.85 10.57
CA ILE A 102 -1.70 4.63 11.71
C ILE A 102 -0.21 4.64 11.31
N GLY A 103 0.07 4.43 10.03
CA GLY A 103 1.44 4.40 9.55
C GLY A 103 2.21 3.16 9.98
N MET A 104 3.44 3.08 9.53
CA MET A 104 4.31 1.94 9.82
C MET A 104 5.57 2.35 10.56
N THR A 105 5.92 1.59 11.58
CA THR A 105 7.16 1.82 12.32
C THR A 105 8.37 1.32 11.53
N GLN A 106 9.56 1.71 11.97
CA GLN A 106 10.79 1.25 11.35
C GLN A 106 10.84 -0.27 11.33
N GLU A 107 10.52 -0.90 12.46
CA GLU A 107 10.62 -2.34 12.55
C GLU A 107 9.59 -3.03 11.66
N GLU A 108 8.41 -2.42 11.50
CA GLU A 108 7.42 -2.98 10.58
C GLU A 108 7.90 -2.84 9.14
N LEU A 109 8.56 -1.73 8.83
CA LEU A 109 9.07 -1.55 7.47
C LEU A 109 10.19 -2.55 7.17
N VAL A 110 10.89 -2.97 8.21
CA VAL A 110 12.01 -3.88 8.04
C VAL A 110 11.51 -5.32 8.05
N SER A 111 10.46 -5.58 8.82
CA SER A 111 10.06 -6.96 9.08
C SER A 111 8.76 -7.42 8.42
N ASN A 112 7.87 -6.48 8.09
CA ASN A 112 6.52 -6.88 7.67
C ASN A 112 6.45 -7.61 6.33
N LEU A 113 7.41 -7.31 5.44
CA LEU A 113 7.43 -7.96 4.13
C LEU A 113 7.60 -9.47 4.28
N GLY A 114 8.36 -9.89 5.28
CA GLY A 114 8.63 -11.30 5.49
C GLY A 114 7.83 -11.92 6.63
N THR A 115 6.85 -11.17 7.13
CA THR A 115 6.03 -11.61 8.25
C THR A 115 5.40 -12.99 8.04
N ILE A 116 4.61 -13.11 6.99
CA ILE A 116 3.82 -14.31 6.73
C ILE A 116 4.67 -15.57 6.63
N ALA A 117 5.63 -15.55 5.70
CA ALA A 117 6.49 -16.71 5.46
C ALA A 117 7.16 -17.20 6.74
N ARG A 118 7.69 -16.28 7.53
CA ARG A 118 8.32 -16.63 8.80
C ARG A 118 7.29 -17.19 9.79
N SER A 119 6.11 -16.58 9.80
CA SER A 119 5.04 -17.01 10.68
C SER A 119 4.32 -18.23 10.09
N GLY A 120 4.68 -18.59 8.87
CA GLY A 120 4.07 -19.72 8.19
C GLY A 120 3.13 -19.30 7.08
N SER A 121 3.41 -19.74 5.87
CA SER A 121 2.59 -19.40 4.72
C SER A 121 1.66 -20.56 4.32
N LYS A 122 1.71 -21.65 5.10
CA LYS A 122 0.93 -22.84 4.80
C LYS A 122 -0.58 -22.57 4.84
N ALA A 123 -1.02 -21.84 5.85
CA ALA A 123 -2.43 -21.50 5.98
C ALA A 123 -2.90 -20.67 4.79
N PHE A 124 -2.06 -19.75 4.35
CA PHE A 124 -2.37 -18.90 3.21
C PHE A 124 -2.42 -19.71 1.91
N LEU A 125 -1.39 -20.52 1.67
CA LEU A 125 -1.28 -21.28 0.43
C LEU A 125 -2.39 -22.32 0.32
N ASP A 126 -2.80 -22.88 1.45
CA ASP A 126 -3.91 -23.84 1.46
C ASP A 126 -5.23 -23.16 1.09
N ALA A 127 -5.47 -21.99 1.66
CA ALA A 127 -6.69 -21.23 1.38
C ALA A 127 -6.71 -20.76 -0.07
N LEU A 128 -5.55 -20.41 -0.59
CA LEU A 128 -5.43 -19.97 -1.97
C LEU A 128 -5.76 -21.12 -2.90
N GLN A 129 -5.33 -22.32 -2.52
CA GLN A 129 -5.57 -23.51 -3.34
C GLN A 129 -7.05 -23.90 -3.38
N ASN A 130 -7.74 -23.72 -2.26
CA ASN A 130 -9.14 -24.15 -2.14
C ASN A 130 -10.12 -23.29 -2.92
N GLN A 131 -9.80 -22.01 -3.07
CA GLN A 131 -10.60 -21.12 -3.91
C GLN A 131 -12.05 -20.99 -3.44
N ALA A 132 -12.25 -21.06 -2.13
CA ALA A 132 -13.59 -20.91 -1.55
C ALA A 132 -14.11 -19.49 -1.75
N GLU A 133 -13.19 -18.54 -1.85
CA GLU A 133 -13.54 -17.15 -2.16
C GLU A 133 -12.65 -16.64 -3.30
N ALA A 134 -12.90 -15.42 -3.74
CA ALA A 134 -12.05 -14.80 -4.75
C ALA A 134 -10.60 -14.79 -4.28
N SER A 135 -9.66 -15.02 -5.21
CA SER A 135 -8.25 -14.98 -4.87
C SER A 135 -7.87 -13.65 -4.23
N SER A 136 -8.47 -12.57 -4.74
CA SER A 136 -8.18 -11.23 -4.22
C SER A 136 -8.59 -11.09 -2.76
N LYS A 137 -9.70 -11.72 -2.38
CA LYS A 137 -10.14 -11.66 -0.98
C LYS A 137 -9.22 -12.46 -0.07
N ILE A 138 -8.81 -13.64 -0.52
CA ILE A 138 -7.90 -14.48 0.26
C ILE A 138 -6.57 -13.77 0.51
N ILE A 139 -6.08 -13.08 -0.51
CA ILE A 139 -4.81 -12.38 -0.41
C ILE A 139 -4.93 -11.16 0.50
N GLY A 140 -6.03 -10.43 0.38
CA GLY A 140 -6.27 -9.29 1.25
C GLY A 140 -6.37 -9.71 2.71
N GLN A 141 -7.14 -10.77 2.95
CA GLN A 141 -7.39 -11.27 4.31
C GLN A 141 -6.15 -11.80 5.02
N PHE A 142 -5.24 -12.45 4.30
CA PHE A 142 -4.06 -13.00 4.93
C PHE A 142 -2.95 -11.96 5.03
N GLY A 143 -3.28 -10.74 4.62
CA GLY A 143 -2.40 -9.61 4.86
C GLY A 143 -1.25 -9.47 3.88
N VAL A 144 -1.44 -9.93 2.65
CA VAL A 144 -0.40 -9.80 1.64
C VAL A 144 -0.90 -9.01 0.45
N GLY A 145 -1.85 -8.10 0.69
CA GLY A 145 -2.34 -7.24 -0.37
C GLY A 145 -1.27 -6.30 -0.91
N PHE A 146 -0.32 -5.91 -0.06
CA PHE A 146 0.78 -5.07 -0.51
C PHE A 146 1.60 -5.80 -1.58
N TYR A 147 1.60 -7.13 -1.52
CA TYR A 147 2.31 -7.94 -2.52
C TYR A 147 1.79 -7.65 -3.94
N SER A 148 0.52 -7.26 -4.03
CA SER A 148 -0.09 -6.98 -5.34
C SER A 148 0.42 -5.66 -5.94
N ALA A 149 1.03 -4.80 -5.13
CA ALA A 149 1.65 -3.61 -5.69
C ALA A 149 2.76 -3.99 -6.66
N PHE A 150 3.54 -5.00 -6.28
CA PHE A 150 4.71 -5.39 -7.05
C PHE A 150 4.36 -6.03 -8.39
N MET A 151 3.22 -6.72 -8.46
CA MET A 151 2.86 -7.38 -9.70
C MET A 151 2.58 -6.40 -10.83
N VAL A 152 2.29 -5.14 -10.49
CA VAL A 152 2.07 -4.13 -11.53
C VAL A 152 3.17 -3.07 -11.60
N ALA A 153 4.24 -3.27 -10.83
CA ALA A 153 5.27 -2.24 -10.68
C ALA A 153 6.65 -2.66 -11.21
N ASP A 154 7.29 -1.74 -11.92
CA ASP A 154 8.74 -1.81 -12.13
C ASP A 154 9.47 -1.56 -10.81
N ARG A 155 8.98 -0.60 -10.02
CA ARG A 155 9.51 -0.37 -8.69
C ARG A 155 8.49 0.34 -7.82
N VAL A 156 8.64 0.17 -6.51
CA VAL A 156 7.70 0.70 -5.53
C VAL A 156 8.41 1.65 -4.59
N GLU A 157 7.75 2.75 -4.28
CA GLU A 157 8.28 3.80 -3.42
C GLU A 157 7.30 4.03 -2.27
N VAL A 158 7.73 3.79 -1.04
CA VAL A 158 6.87 4.00 0.12
C VAL A 158 7.40 5.08 1.05
N TYR A 159 6.50 5.96 1.50
CA TYR A 159 6.81 6.89 2.59
C TYR A 159 5.83 6.59 3.71
N SER A 160 6.33 6.41 4.92
CA SER A 160 5.43 6.11 6.03
C SER A 160 5.99 6.69 7.33
N ARG A 161 5.10 7.11 8.20
CA ARG A 161 5.46 7.50 9.54
C ARG A 161 4.36 7.04 10.49
N SER A 162 4.75 6.27 11.51
CA SER A 162 3.80 5.75 12.50
C SER A 162 3.29 6.83 13.43
N ALA A 163 2.06 6.64 13.91
CA ALA A 163 1.44 7.54 14.88
C ALA A 163 2.01 7.34 16.28
N ALA A 164 2.78 6.26 16.48
CA ALA A 164 3.42 6.01 17.77
C ALA A 164 4.39 7.13 18.13
N PRO A 165 4.42 7.52 19.42
CA PRO A 165 5.33 8.59 19.85
C PRO A 165 6.77 8.32 19.44
N GLY A 166 7.45 9.35 18.94
CA GLY A 166 8.85 9.25 18.59
C GLY A 166 9.16 8.66 17.23
N SER A 167 8.14 8.18 16.53
CA SER A 167 8.35 7.54 15.23
C SER A 167 8.94 8.51 14.20
N LEU A 168 9.98 8.06 13.50
CA LEU A 168 10.58 8.84 12.42
C LEU A 168 9.88 8.55 11.10
N GLY A 169 10.06 9.44 10.13
CA GLY A 169 9.52 9.24 8.79
C GLY A 169 10.55 8.49 7.96
N TYR A 170 10.09 7.58 7.09
CA TYR A 170 11.00 6.78 6.28
C TYR A 170 10.59 6.72 4.82
N GLN A 171 11.61 6.61 3.97
CA GLN A 171 11.45 6.24 2.58
C GLN A 171 11.85 4.76 2.43
N TRP A 172 11.02 3.99 1.73
CA TRP A 172 11.24 2.54 1.52
C TRP A 172 11.18 2.29 0.02
N LEU A 173 12.25 1.72 -0.56
CA LEU A 173 12.30 1.54 -2.01
C LEU A 173 12.57 0.09 -2.38
N SER A 174 11.93 -0.40 -3.43
CA SER A 174 12.25 -1.74 -3.93
C SER A 174 11.78 -1.94 -5.37
N ASP A 175 12.54 -2.70 -6.15
CA ASP A 175 12.09 -3.09 -7.48
C ASP A 175 11.47 -4.48 -7.42
N GLY A 176 11.43 -5.06 -6.22
CA GLY A 176 10.78 -6.33 -5.99
C GLY A 176 11.64 -7.52 -6.37
N SER A 177 12.94 -7.29 -6.54
CA SER A 177 13.86 -8.30 -7.07
C SER A 177 14.54 -9.15 -5.99
N GLY A 178 14.65 -8.63 -4.78
CA GLY A 178 15.30 -9.35 -3.70
C GLY A 178 15.89 -8.45 -2.64
N VAL A 179 15.94 -7.15 -2.93
CA VAL A 179 16.49 -6.17 -2.01
C VAL A 179 15.50 -5.02 -1.82
N PHE A 180 15.46 -4.45 -0.63
CA PHE A 180 14.77 -3.19 -0.43
C PHE A 180 15.63 -2.26 0.41
N GLU A 181 15.40 -0.97 0.26
CA GLU A 181 16.24 0.05 0.87
C GLU A 181 15.40 1.01 1.68
N ILE A 182 15.90 1.37 2.87
CA ILE A 182 15.19 2.27 3.77
C ILE A 182 16.10 3.43 4.18
N ALA A 183 15.54 4.63 4.17
CA ALA A 183 16.26 5.81 4.64
C ALA A 183 15.32 6.74 5.37
N GLU A 184 15.83 7.43 6.39
CA GLU A 184 14.99 8.41 7.06
C GLU A 184 14.63 9.53 6.07
N ALA A 185 13.40 10.03 6.17
CA ALA A 185 12.97 11.14 5.32
C ALA A 185 12.30 12.21 6.17
N SER A 186 12.44 13.46 5.73
CA SER A 186 11.71 14.56 6.35
C SER A 186 10.41 14.80 5.59
N GLY A 187 9.44 15.43 6.24
CA GLY A 187 8.22 15.84 5.57
C GLY A 187 7.24 14.71 5.31
N VAL A 188 7.43 13.58 5.99
CA VAL A 188 6.47 12.49 5.87
C VAL A 188 5.28 12.76 6.78
N ARG A 189 4.08 12.77 6.19
CA ARG A 189 2.85 12.88 6.95
C ARG A 189 2.53 11.56 7.64
N THR A 190 2.04 11.63 8.88
CA THR A 190 1.61 10.42 9.58
C THR A 190 0.68 9.62 8.69
N GLY A 191 0.92 8.31 8.60
CA GLY A 191 0.20 7.51 7.64
C GLY A 191 1.16 6.94 6.60
N THR A 192 0.65 6.60 5.41
CA THR A 192 1.46 5.89 4.41
C THR A 192 1.13 6.30 2.98
N LYS A 193 2.16 6.58 2.20
CA LYS A 193 2.00 6.85 0.78
C LYS A 193 2.75 5.81 -0.02
N ILE A 194 2.08 5.23 -1.01
CA ILE A 194 2.74 4.28 -1.91
C ILE A 194 2.77 4.87 -3.32
N ILE A 195 3.95 4.95 -3.91
CA ILE A 195 4.07 5.40 -5.28
C ILE A 195 4.47 4.21 -6.13
N ILE A 196 3.59 3.84 -7.06
CA ILE A 196 3.85 2.71 -7.95
C ILE A 196 4.32 3.21 -9.30
N HIS A 197 5.51 2.77 -9.71
CA HIS A 197 6.02 3.05 -11.03
C HIS A 197 5.66 1.87 -11.91
N LEU A 198 4.68 2.07 -12.79
CA LEU A 198 3.96 0.97 -13.43
C LEU A 198 4.75 0.21 -14.50
N LYS A 199 4.54 -1.10 -14.56
CA LYS A 199 5.14 -1.95 -15.61
C LYS A 199 4.63 -1.53 -16.99
N SER A 200 5.36 -1.92 -18.03
CA SER A 200 5.04 -1.49 -19.39
C SER A 200 3.66 -1.95 -19.87
N ASP A 201 3.18 -3.07 -19.33
CA ASP A 201 1.86 -3.58 -19.71
C ASP A 201 0.76 -3.07 -18.77
N CYS A 202 1.15 -2.24 -17.81
CA CYS A 202 0.23 -1.78 -16.77
C CYS A 202 0.04 -0.26 -16.77
N LYS A 203 0.37 0.38 -17.89
CA LYS A 203 0.34 1.85 -17.96
C LYS A 203 -1.05 2.44 -17.80
N GLU A 204 -2.08 1.64 -18.07
CA GLU A 204 -3.46 2.11 -18.04
C GLU A 204 -3.82 2.73 -16.69
N PHE A 205 -3.14 2.29 -15.64
CA PHE A 205 -3.51 2.73 -14.30
C PHE A 205 -2.88 4.08 -13.94
N SER A 206 -2.21 4.69 -14.92
CA SER A 206 -1.79 6.08 -14.78
C SER A 206 -2.80 7.01 -15.46
N SER A 207 -3.89 6.42 -15.96
CA SER A 207 -4.98 7.19 -16.56
C SER A 207 -6.12 7.41 -15.58
N GLU A 208 -6.50 8.68 -15.39
CA GLU A 208 -7.58 9.00 -14.45
C GLU A 208 -8.88 8.33 -14.83
N ALA A 209 -9.25 8.43 -16.10
CA ALA A 209 -10.49 7.83 -16.58
C ALA A 209 -10.54 6.34 -16.25
N ARG A 210 -9.46 5.64 -16.55
CA ARG A 210 -9.37 4.20 -16.29
C ARG A 210 -9.51 3.89 -14.80
N VAL A 211 -8.73 4.58 -13.98
CA VAL A 211 -8.75 4.33 -12.55
C VAL A 211 -10.11 4.67 -11.95
N ARG A 212 -10.72 5.76 -12.42
CA ARG A 212 -12.07 6.09 -11.97
C ARG A 212 -13.04 4.96 -12.32
N ASP A 213 -12.97 4.45 -13.55
CA ASP A 213 -13.85 3.38 -13.97
C ASP A 213 -13.68 2.13 -13.10
N VAL A 214 -12.44 1.88 -12.68
CA VAL A 214 -12.17 0.74 -11.82
C VAL A 214 -12.72 0.97 -10.41
N VAL A 215 -12.43 2.13 -9.84
CA VAL A 215 -12.72 2.38 -8.44
C VAL A 215 -14.22 2.59 -8.16
N THR A 216 -14.93 3.23 -9.08
CA THR A 216 -16.34 3.55 -8.86
C THR A 216 -17.21 2.32 -8.61
N LYS A 217 -16.71 1.15 -8.99
CA LYS A 217 -17.47 -0.09 -8.85
C LYS A 217 -17.56 -0.55 -7.39
N TYR A 218 -16.79 0.05 -6.51
CA TYR A 218 -16.79 -0.36 -5.10
C TYR A 218 -16.52 0.80 -4.13
N SER A 219 -16.45 2.02 -4.65
CA SER A 219 -16.09 3.17 -3.84
C SER A 219 -17.10 3.45 -2.72
N ASN A 220 -18.34 3.01 -2.90
CA ASN A 220 -19.38 3.20 -1.90
C ASN A 220 -19.22 2.26 -0.71
N PHE A 221 -18.34 1.27 -0.85
CA PHE A 221 -18.08 0.31 0.22
C PHE A 221 -16.90 0.75 1.08
N VAL A 222 -16.29 1.88 0.74
CA VAL A 222 -15.17 2.42 1.50
C VAL A 222 -15.65 3.36 2.60
N SER A 223 -15.34 3.04 3.85
CA SER A 223 -15.91 3.73 5.00
C SER A 223 -15.26 5.06 5.35
N PHE A 224 -14.21 5.44 4.61
CA PHE A 224 -13.62 6.75 4.78
C PHE A 224 -13.66 7.50 3.47
N PRO A 225 -13.66 8.83 3.52
CA PRO A 225 -13.63 9.65 2.31
C PRO A 225 -12.55 9.17 1.36
N LEU A 226 -12.93 8.88 0.12
CA LEU A 226 -12.01 8.43 -0.90
C LEU A 226 -11.91 9.46 -2.02
N TYR A 227 -10.70 9.89 -2.33
CA TYR A 227 -10.48 10.94 -3.33
C TYR A 227 -9.63 10.41 -4.47
N LEU A 228 -9.94 10.86 -5.69
CA LEU A 228 -9.13 10.54 -6.86
C LEU A 228 -8.73 11.81 -7.57
N ASN A 229 -7.44 12.10 -7.56
CA ASN A 229 -6.90 13.34 -8.11
C ASN A 229 -7.63 14.58 -7.57
N GLY A 230 -7.98 14.52 -6.30
CA GLY A 230 -8.59 15.66 -5.62
C GLY A 230 -10.10 15.65 -5.60
N ARG A 231 -10.71 14.68 -6.27
CA ARG A 231 -12.17 14.60 -6.36
C ARG A 231 -12.76 13.50 -5.50
N ARG A 232 -13.78 13.85 -4.73
CA ARG A 232 -14.46 12.88 -3.86
C ARG A 232 -15.12 11.77 -4.67
N MET A 233 -14.91 10.53 -4.24
CA MET A 233 -15.44 9.37 -4.95
C MET A 233 -16.60 8.74 -4.19
N ASN A 234 -16.86 9.27 -3.00
CA ASN A 234 -17.93 8.74 -2.16
C ASN A 234 -18.45 9.78 -1.16
#